data_6CME
#
_entry.id   6CME
#
_cell.length_a   47.488
_cell.length_b   88.843
_cell.length_c   50.303
_cell.angle_alpha   90.00
_cell.angle_beta   111.33
_cell.angle_gamma   90.00
#
_symmetry.space_group_name_H-M   'P 1 21 1'
#
loop_
_entity.id
_entity.type
_entity.pdbx_description
1 polymer 'LIM/homeobox protein Lhx4,Insulin gene enhancer protein ISL-2'
2 non-polymer 'ZINC ION'
3 water water
#
_entity_poly.entity_id   1
_entity_poly.type   'polypeptide(L)'
_entity_poly.pdbx_seq_one_letter_code
;GSMQQIPQCAGCNQHILDKFILKVLDRHWHSSCLKCADCQMQLADRCFSRAGSVYCKEDFFKRFGTKCTACQQGIPPTQV
VRKAQDFVYHLHCFACIICNRQLATGDEFYLMEDGRLVCKEDYETAKQGGSGGHMGSGGGTPLVAGSPIRHENAVQGSAV
EVQTYQPPW
;
_entity_poly.pdbx_strand_id   A,B
#
# COMPACT_ATOMS: atom_id res chain seq x y z
N GLN A 5 -18.70 35.62 -0.95
CA GLN A 5 -17.66 36.56 -0.44
C GLN A 5 -16.71 36.96 -1.59
N ILE A 6 -16.07 38.12 -1.44
CA ILE A 6 -15.20 38.70 -2.45
C ILE A 6 -13.76 38.26 -2.20
N PRO A 7 -13.20 37.34 -3.02
CA PRO A 7 -11.83 36.89 -2.85
C PRO A 7 -10.83 37.99 -3.26
N GLN A 8 -9.63 37.90 -2.71
CA GLN A 8 -8.51 38.72 -3.11
C GLN A 8 -7.68 37.95 -4.14
N CYS A 9 -7.21 38.67 -5.16
CA CYS A 9 -6.45 38.09 -6.25
C CYS A 9 -5.09 37.60 -5.71
N ALA A 10 -4.72 36.38 -6.04
CA ALA A 10 -3.44 35.81 -5.58
C ALA A 10 -2.26 36.58 -6.18
N GLY A 11 -2.45 37.20 -7.34
CA GLY A 11 -1.43 38.01 -8.01
C GLY A 11 -1.20 39.36 -7.35
N CYS A 12 -2.25 40.20 -7.30
CA CYS A 12 -2.13 41.62 -6.91
C CYS A 12 -2.66 41.87 -5.49
N ASN A 13 -3.33 40.88 -4.89
CA ASN A 13 -3.89 40.94 -3.53
C ASN A 13 -4.99 42.00 -3.39
N GLN A 14 -5.63 42.42 -4.49
CA GLN A 14 -6.81 43.29 -4.42
C GLN A 14 -8.07 42.42 -4.54
N HIS A 15 -9.18 42.92 -3.97
CA HIS A 15 -10.51 42.31 -4.08
C HIS A 15 -10.90 42.25 -5.56
N ILE A 16 -11.49 41.12 -5.99
CA ILE A 16 -11.81 40.91 -7.38
C ILE A 16 -13.29 41.26 -7.55
N LEU A 17 -13.59 42.30 -8.32
CA LEU A 17 -14.95 42.78 -8.51
C LEU A 17 -15.50 42.39 -9.88
N ASP A 18 -14.66 41.79 -10.74
CA ASP A 18 -15.07 41.31 -12.06
C ASP A 18 -16.16 40.26 -11.89
N LYS A 19 -17.12 40.26 -12.82
CA LYS A 19 -18.21 39.28 -12.81
C LYS A 19 -17.64 37.86 -12.92
N PHE A 20 -16.67 37.65 -13.82
CA PHE A 20 -16.00 36.34 -13.95
C PHE A 20 -14.71 36.36 -13.12
N ILE A 21 -14.58 35.38 -12.23
CA ILE A 21 -13.42 35.18 -11.35
C ILE A 21 -12.73 33.88 -11.78
N LEU A 22 -11.41 33.94 -11.91
CA LEU A 22 -10.66 32.73 -12.22
C LEU A 22 -10.16 32.08 -10.92
N LYS A 23 -10.08 30.75 -10.96
CA LYS A 23 -9.67 29.97 -9.81
C LYS A 23 -8.60 28.98 -10.27
N VAL A 24 -7.45 28.99 -9.60
CA VAL A 24 -6.34 28.09 -9.87
C VAL A 24 -6.04 27.39 -8.55
N LEU A 25 -6.35 26.08 -8.51
N LEU A 25 -6.47 26.13 -8.40
CA LEU A 25 -6.46 25.27 -7.31
CA LEU A 25 -6.17 25.32 -7.21
C LEU A 25 -7.49 25.93 -6.37
C LEU A 25 -6.46 26.09 -5.90
N ASP A 26 -7.05 26.38 -5.19
N ASP A 26 -7.69 26.58 -5.72
CA ASP A 26 -7.97 27.09 -4.29
CA ASP A 26 -8.14 27.10 -4.43
C ASP A 26 -7.46 28.52 -4.04
C ASP A 26 -7.81 28.61 -4.26
N ARG A 27 -6.94 29.16 -5.09
CA ARG A 27 -6.63 30.61 -5.09
C ARG A 27 -7.45 31.27 -6.20
N HIS A 28 -7.90 32.51 -5.96
CA HIS A 28 -8.67 33.25 -6.97
C HIS A 28 -7.79 34.31 -7.63
N TRP A 29 -8.14 34.65 -8.88
CA TRP A 29 -7.36 35.55 -9.76
C TRP A 29 -8.28 36.49 -10.56
N HIS A 30 -7.84 37.74 -10.69
CA HIS A 30 -8.22 38.62 -11.81
C HIS A 30 -7.77 37.96 -13.13
N SER A 31 -8.61 37.98 -14.16
CA SER A 31 -8.17 37.45 -15.46
C SER A 31 -7.01 38.30 -15.99
N SER A 32 -6.99 39.59 -15.67
CA SER A 32 -5.94 40.46 -16.16
C SER A 32 -4.62 40.27 -15.39
N CYS A 33 -4.64 39.61 -14.22
CA CYS A 33 -3.40 39.30 -13.46
C CYS A 33 -2.84 37.92 -13.82
N LEU A 34 -3.69 37.01 -14.32
CA LEU A 34 -3.27 35.65 -14.62
C LEU A 34 -2.65 35.64 -16.02
N LYS A 35 -1.40 36.10 -16.09
CA LYS A 35 -0.65 36.32 -17.31
C LYS A 35 0.75 35.73 -17.12
N CYS A 36 1.33 35.22 -18.23
CA CYS A 36 2.67 34.68 -18.18
C CYS A 36 3.67 35.76 -17.76
N ALA A 37 4.55 35.42 -16.81
CA ALA A 37 5.55 36.35 -16.30
C ALA A 37 6.48 36.83 -17.43
N ASP A 38 6.67 35.95 -18.42
CA ASP A 38 7.62 36.14 -19.49
C ASP A 38 6.95 36.86 -20.67
N CYS A 39 6.01 36.18 -21.33
CA CYS A 39 5.47 36.64 -22.62
C CYS A 39 4.18 37.45 -22.45
N GLN A 40 3.63 37.52 -21.23
CA GLN A 40 2.48 38.38 -20.85
C GLN A 40 1.16 37.84 -21.42
N MET A 41 1.15 36.65 -22.01
CA MET A 41 -0.08 36.13 -22.58
C MET A 41 -1.01 35.73 -21.43
N GLN A 42 -2.31 35.97 -21.62
CA GLN A 42 -3.31 35.51 -20.69
C GLN A 42 -3.26 33.99 -20.62
N LEU A 43 -3.34 33.45 -19.40
CA LEU A 43 -3.40 32.02 -19.20
C LEU A 43 -4.88 31.59 -19.16
N ALA A 44 -5.45 31.37 -20.35
CA ALA A 44 -6.83 30.88 -20.46
C ALA A 44 -6.89 29.42 -20.00
N ASP A 45 -5.84 28.66 -20.36
CA ASP A 45 -5.88 27.22 -20.45
C ASP A 45 -5.31 26.58 -19.18
N ARG A 46 -3.98 26.60 -19.05
CA ARG A 46 -3.25 26.01 -17.92
C ARG A 46 -2.36 27.07 -17.28
N CYS A 47 -2.21 26.98 -15.96
CA CYS A 47 -1.31 27.85 -15.24
C CYS A 47 -0.15 27.01 -14.68
N PHE A 48 1.08 27.40 -15.05
CA PHE A 48 2.31 26.79 -14.52
C PHE A 48 2.93 27.72 -13.49
N SER A 49 2.89 27.31 -12.21
CA SER A 49 3.35 28.12 -11.08
C SER A 49 4.72 27.63 -10.61
N ARG A 50 5.61 28.56 -10.30
CA ARG A 50 6.87 28.28 -9.62
C ARG A 50 7.23 29.51 -8.80
N ALA A 51 7.45 29.29 -7.50
CA ALA A 51 7.85 30.33 -6.58
C ALA A 51 6.77 31.43 -6.61
N GLY A 52 7.17 32.67 -6.92
CA GLY A 52 6.31 33.83 -6.79
C GLY A 52 5.65 34.24 -8.09
N SER A 53 5.68 33.36 -9.10
CA SER A 53 5.31 33.71 -10.46
C SER A 53 4.54 32.58 -11.16
N VAL A 54 3.94 32.94 -12.30
CA VAL A 54 3.13 32.04 -13.12
C VAL A 54 3.55 32.22 -14.59
N TYR A 55 3.41 31.14 -15.35
CA TYR A 55 3.98 31.02 -16.67
C TYR A 55 3.03 30.23 -17.60
N CYS A 56 3.17 30.45 -18.91
CA CYS A 56 2.67 29.54 -19.93
C CYS A 56 3.60 28.31 -19.99
N LYS A 57 3.08 27.23 -20.57
CA LYS A 57 3.81 25.96 -20.72
C LYS A 57 5.19 26.20 -21.33
N GLU A 58 5.22 26.88 -22.48
CA GLU A 58 6.45 27.09 -23.25
C GLU A 58 7.51 27.82 -22.40
N ASP A 59 7.11 28.88 -21.69
CA ASP A 59 8.06 29.73 -20.97
C ASP A 59 8.45 29.07 -19.64
N PHE A 60 7.57 28.21 -19.09
CA PHE A 60 7.90 27.39 -17.93
C PHE A 60 9.02 26.42 -18.31
N PHE A 61 8.87 25.72 -19.43
CA PHE A 61 9.80 24.64 -19.82
C PHE A 61 11.14 25.22 -20.29
N LYS A 62 11.10 26.36 -20.98
CA LYS A 62 12.31 27.08 -21.42
C LYS A 62 13.21 27.39 -20.22
N ARG A 63 12.61 27.49 -19.03
CA ARG A 63 13.24 28.06 -17.87
C ARG A 63 13.53 27.01 -16.79
N PHE A 64 12.62 26.04 -16.59
CA PHE A 64 12.74 25.13 -15.46
C PHE A 64 12.85 23.69 -15.97
N GLY A 65 13.49 22.86 -15.13
CA GLY A 65 13.58 21.43 -15.35
C GLY A 65 12.76 20.72 -14.29
N THR A 66 12.55 19.42 -14.50
CA THR A 66 11.85 18.59 -13.54
C THR A 66 12.89 17.73 -12.82
N LYS A 67 12.75 17.66 -11.49
CA LYS A 67 13.51 16.77 -10.62
C LYS A 67 12.80 15.41 -10.58
N CYS A 68 13.58 14.34 -10.63
CA CYS A 68 13.04 13.01 -10.40
C CYS A 68 12.60 12.87 -8.94
N THR A 69 11.38 12.36 -8.72
CA THR A 69 10.85 12.19 -7.38
C THR A 69 11.80 11.31 -6.54
N ALA A 70 12.38 10.27 -7.15
CA ALA A 70 13.18 9.26 -6.43
C ALA A 70 14.60 9.78 -6.16
N CYS A 71 15.35 10.12 -7.22
CA CYS A 71 16.81 10.37 -7.11
C CYS A 71 17.09 11.87 -6.93
N GLN A 72 16.11 12.71 -7.26
CA GLN A 72 16.17 14.17 -7.13
C GLN A 72 17.13 14.79 -8.14
N GLN A 73 17.56 14.01 -9.15
CA GLN A 73 18.39 14.53 -10.22
C GLN A 73 17.49 15.12 -11.30
N GLY A 74 18.06 16.03 -12.09
CA GLY A 74 17.38 16.58 -13.25
C GLY A 74 17.09 15.50 -14.27
N ILE A 75 15.91 15.56 -14.87
CA ILE A 75 15.59 14.72 -15.99
C ILE A 75 15.82 15.58 -17.24
N PRO A 76 16.73 15.18 -18.16
CA PRO A 76 16.94 15.96 -19.38
C PRO A 76 15.63 16.18 -20.12
N PRO A 77 15.41 17.38 -20.72
CA PRO A 77 14.17 17.65 -21.47
C PRO A 77 13.95 16.68 -22.65
N THR A 78 15.05 16.07 -23.12
CA THR A 78 15.09 15.20 -24.29
C THR A 78 14.88 13.73 -23.91
N GLN A 79 14.29 13.46 -22.73
CA GLN A 79 14.07 12.08 -22.27
C GLN A 79 12.62 11.91 -21.78
N VAL A 80 12.05 10.74 -22.10
CA VAL A 80 10.74 10.31 -21.63
C VAL A 80 10.81 10.03 -20.12
N VAL A 81 9.64 10.00 -19.50
CA VAL A 81 9.54 9.85 -18.07
C VAL A 81 8.36 8.92 -17.75
N ARG A 82 8.33 8.47 -16.50
CA ARG A 82 7.17 7.77 -15.93
C ARG A 82 6.49 8.72 -14.95
N LYS A 83 5.19 8.52 -14.76
CA LYS A 83 4.41 9.32 -13.83
C LYS A 83 3.52 8.40 -12.99
N ALA A 84 3.45 8.70 -11.68
CA ALA A 84 2.41 8.21 -10.80
C ALA A 84 1.77 9.43 -10.11
N GLN A 85 0.46 9.60 -10.29
CA GLN A 85 -0.25 10.83 -9.92
C GLN A 85 0.59 12.02 -10.43
N ASP A 86 1.01 12.90 -9.52
CA ASP A 86 1.74 14.11 -9.84
C ASP A 86 3.25 13.87 -9.84
N PHE A 87 3.71 12.69 -9.41
CA PHE A 87 5.14 12.40 -9.29
C PHE A 87 5.70 12.00 -10.65
N VAL A 88 6.94 12.45 -10.93
CA VAL A 88 7.66 12.20 -12.18
C VAL A 88 8.99 11.52 -11.84
N TYR A 89 9.36 10.53 -12.66
CA TYR A 89 10.51 9.69 -12.41
C TYR A 89 11.30 9.44 -13.70
N HIS A 90 12.61 9.31 -13.58
CA HIS A 90 13.38 8.61 -14.61
C HIS A 90 12.79 7.20 -14.74
N LEU A 91 12.79 6.65 -15.96
CA LEU A 91 12.34 5.26 -16.17
C LEU A 91 13.09 4.31 -15.22
N HIS A 92 14.40 4.51 -15.07
CA HIS A 92 15.23 3.59 -14.30
C HIS A 92 15.02 3.79 -12.79
N CYS A 93 14.34 4.88 -12.40
CA CYS A 93 14.04 5.17 -11.00
C CYS A 93 12.60 4.75 -10.66
N PHE A 94 11.82 4.40 -11.69
CA PHE A 94 10.46 3.90 -11.53
C PHE A 94 10.53 2.40 -11.20
N ALA A 95 10.79 2.12 -9.93
CA ALA A 95 11.23 0.82 -9.46
C ALA A 95 10.77 0.63 -8.02
N CYS A 96 10.51 -0.63 -7.67
CA CYS A 96 10.09 -1.02 -6.33
C CYS A 96 11.22 -0.73 -5.36
N ILE A 97 10.91 -0.05 -4.25
CA ILE A 97 11.89 0.27 -3.21
C ILE A 97 12.32 -0.98 -2.42
N ILE A 98 11.54 -2.06 -2.48
CA ILE A 98 11.88 -3.26 -1.72
C ILE A 98 12.75 -4.18 -2.58
N CYS A 99 12.28 -4.59 -3.76
CA CYS A 99 12.98 -5.61 -4.57
C CYS A 99 13.90 -4.97 -5.62
N ASN A 100 13.75 -3.65 -5.83
CA ASN A 100 14.54 -2.86 -6.81
C ASN A 100 14.18 -3.18 -8.27
N ARG A 101 13.13 -3.98 -8.52
CA ARG A 101 12.72 -4.28 -9.87
C ARG A 101 12.14 -3.01 -10.52
N GLN A 102 12.64 -2.64 -11.71
CA GLN A 102 12.07 -1.54 -12.50
C GLN A 102 10.69 -1.96 -13.01
N LEU A 103 9.69 -1.10 -12.79
CA LEU A 103 8.34 -1.38 -13.22
C LEU A 103 8.21 -1.08 -14.72
N ALA A 104 7.52 -1.99 -15.42
CA ALA A 104 7.22 -1.88 -16.84
C ALA A 104 5.76 -1.45 -17.03
N THR A 105 5.47 -0.90 -18.21
CA THR A 105 4.12 -0.49 -18.55
C THR A 105 3.18 -1.66 -18.22
N GLY A 106 2.07 -1.36 -17.52
CA GLY A 106 1.06 -2.36 -17.17
C GLY A 106 1.29 -3.00 -15.81
N ASP A 107 2.49 -2.87 -15.22
CA ASP A 107 2.75 -3.53 -13.93
C ASP A 107 1.87 -2.90 -12.84
N GLU A 108 1.41 -3.73 -11.90
CA GLU A 108 0.60 -3.30 -10.78
C GLU A 108 1.50 -2.95 -9.61
N PHE A 109 1.23 -1.80 -8.98
CA PHE A 109 2.06 -1.30 -7.89
C PHE A 109 1.21 -0.43 -6.97
N TYR A 110 1.86 0.02 -5.89
CA TYR A 110 1.27 0.91 -4.92
C TYR A 110 2.18 2.12 -4.79
N LEU A 111 1.58 3.30 -4.71
CA LEU A 111 2.27 4.57 -4.55
C LEU A 111 2.05 5.03 -3.11
N MET A 112 3.14 5.25 -2.38
CA MET A 112 3.04 5.81 -1.05
C MET A 112 2.86 7.33 -1.20
N GLU A 113 2.39 7.96 -0.13
CA GLU A 113 2.02 9.38 -0.12
C GLU A 113 3.21 10.27 -0.53
N ASP A 114 4.43 9.88 -0.19
CA ASP A 114 5.64 10.66 -0.46
C ASP A 114 6.26 10.31 -1.82
N GLY A 115 5.64 9.40 -2.58
CA GLY A 115 6.13 9.08 -3.93
C GLY A 115 6.96 7.81 -3.99
N ARG A 116 7.17 7.13 -2.85
CA ARG A 116 7.83 5.82 -2.86
C ARG A 116 6.93 4.84 -3.61
N LEU A 117 7.55 3.93 -4.38
CA LEU A 117 6.86 2.95 -5.20
C LEU A 117 7.11 1.54 -4.64
N VAL A 118 6.05 0.72 -4.57
CA VAL A 118 6.15 -0.65 -4.06
C VAL A 118 5.39 -1.54 -5.04
N CYS A 119 6.07 -2.57 -5.57
CA CYS A 119 5.39 -3.52 -6.47
C CYS A 119 4.26 -4.20 -5.67
N LYS A 120 3.25 -4.66 -6.40
CA LYS A 120 2.06 -5.27 -5.81
C LYS A 120 2.45 -6.39 -4.83
N GLU A 121 3.31 -7.30 -5.29
CA GLU A 121 3.64 -8.49 -4.49
C GLU A 121 4.26 -8.09 -3.15
N ASP A 122 5.28 -7.22 -3.19
CA ASP A 122 5.99 -6.78 -1.98
C ASP A 122 5.08 -5.97 -1.05
N TYR A 123 4.18 -5.16 -1.60
CA TYR A 123 3.27 -4.38 -0.79
C TYR A 123 2.33 -5.29 -0.01
N GLU A 124 1.71 -6.26 -0.70
CA GLU A 124 0.69 -7.08 -0.11
C GLU A 124 1.33 -8.00 0.94
N THR A 125 2.54 -8.49 0.67
CA THR A 125 3.29 -9.27 1.65
C THR A 125 3.55 -8.41 2.91
N ALA A 126 4.13 -7.22 2.72
CA ALA A 126 4.49 -6.32 3.82
C ALA A 126 3.25 -5.93 4.62
N LYS A 127 2.13 -5.76 3.92
CA LYS A 127 0.82 -5.49 4.52
CA LYS A 127 0.83 -5.49 4.53
C LYS A 127 0.22 -6.82 4.98
N GLY A 139 -0.75 3.55 4.20
CA GLY A 139 -1.02 2.67 3.09
C GLY A 139 -0.73 3.33 1.75
N GLY A 140 -0.60 2.51 0.71
CA GLY A 140 -0.34 2.97 -0.62
C GLY A 140 -1.61 3.04 -1.45
N THR A 141 -1.54 3.77 -2.57
CA THR A 141 -2.61 3.84 -3.54
C THR A 141 -2.32 2.88 -4.69
N PRO A 142 -3.25 1.95 -5.02
CA PRO A 142 -3.01 1.00 -6.10
C PRO A 142 -3.08 1.70 -7.47
N LEU A 143 -2.12 1.38 -8.34
CA LEU A 143 -2.02 1.97 -9.67
C LEU A 143 -1.51 0.91 -10.65
N VAL A 144 -1.66 1.22 -11.94
CA VAL A 144 -1.09 0.46 -13.03
C VAL A 144 -0.13 1.38 -13.80
N ALA A 145 1.10 0.91 -14.02
CA ALA A 145 2.14 1.76 -14.61
C ALA A 145 1.72 2.18 -16.02
N GLY A 146 1.78 3.49 -16.25
CA GLY A 146 1.50 4.09 -17.54
C GLY A 146 2.71 4.00 -18.45
N SER A 147 2.45 4.14 -19.76
CA SER A 147 3.47 4.21 -20.79
C SER A 147 4.43 5.34 -20.45
N PRO A 148 5.69 5.28 -20.93
CA PRO A 148 6.58 6.42 -20.85
C PRO A 148 5.95 7.64 -21.58
N ILE A 149 6.11 8.84 -21.01
CA ILE A 149 5.49 10.05 -21.54
C ILE A 149 6.60 11.04 -21.89
N ARG A 150 6.40 11.81 -22.96
CA ARG A 150 7.33 12.87 -23.33
C ARG A 150 7.36 13.93 -22.21
N HIS A 151 8.55 14.52 -22.04
CA HIS A 151 8.82 15.48 -20.98
C HIS A 151 7.85 16.66 -21.06
N GLU A 152 7.40 16.98 -22.28
CA GLU A 152 6.42 18.06 -22.54
C GLU A 152 5.10 17.77 -21.82
N ASN A 153 4.58 16.55 -21.99
CA ASN A 153 3.23 16.18 -21.51
C ASN A 153 3.29 15.63 -20.07
N ALA A 154 4.45 15.76 -19.42
CA ALA A 154 4.67 15.21 -18.09
C ALA A 154 4.11 16.16 -17.04
N VAL A 155 4.60 17.41 -17.04
CA VAL A 155 4.08 18.43 -16.13
C VAL A 155 2.91 19.12 -16.84
N GLN A 156 1.76 19.10 -16.17
CA GLN A 156 0.49 19.49 -16.76
C GLN A 156 0.21 20.97 -16.46
N GLY A 157 0.69 21.46 -15.32
CA GLY A 157 0.23 22.72 -14.78
C GLY A 157 -1.15 22.56 -14.20
N SER A 158 -1.71 23.66 -13.68
CA SER A 158 -2.99 23.64 -13.03
C SER A 158 -4.06 24.13 -14.00
N ALA A 159 -5.24 23.51 -13.95
CA ALA A 159 -6.39 23.96 -14.71
C ALA A 159 -6.81 25.32 -14.18
N VAL A 160 -7.23 26.20 -15.10
CA VAL A 160 -7.79 27.49 -14.78
C VAL A 160 -9.31 27.35 -14.80
N GLU A 161 -9.95 27.46 -13.62
CA GLU A 161 -11.40 27.33 -13.51
C GLU A 161 -12.05 28.72 -13.51
N VAL A 162 -13.36 28.74 -13.79
CA VAL A 162 -14.11 29.96 -13.93
C VAL A 162 -15.31 29.90 -12.98
N GLN A 163 -15.54 31.01 -12.27
CA GLN A 163 -16.70 31.20 -11.45
C GLN A 163 -17.25 32.60 -11.68
N THR A 164 -18.53 32.80 -11.37
CA THR A 164 -19.14 34.13 -11.37
C THR A 164 -19.73 34.44 -10.01
N TYR A 165 -19.79 35.74 -9.69
CA TYR A 165 -20.66 36.23 -8.64
C TYR A 165 -22.11 35.96 -9.05
N GLN A 166 -22.88 35.41 -8.12
CA GLN A 166 -24.32 35.16 -8.30
C GLN A 166 -25.01 35.46 -6.97
N PRO A 167 -26.25 35.98 -6.99
CA PRO A 167 -27.01 36.17 -5.76
C PRO A 167 -27.32 34.78 -5.20
N PRO A 168 -27.71 34.70 -3.92
CA PRO A 168 -27.88 35.83 -3.04
C PRO A 168 -26.55 36.29 -2.41
N TRP A 169 -26.39 37.60 -2.25
CA TRP A 169 -25.21 38.20 -1.60
C TRP A 169 -25.66 39.22 -0.55
N GLN B 5 26.32 -19.13 7.35
CA GLN B 5 26.70 -18.05 8.32
C GLN B 5 26.13 -18.36 9.70
N ILE B 6 26.54 -17.56 10.69
CA ILE B 6 26.07 -17.68 12.06
C ILE B 6 24.83 -16.80 12.22
N PRO B 7 23.62 -17.39 12.44
CA PRO B 7 22.41 -16.58 12.54
C PRO B 7 22.43 -15.72 13.81
N GLN B 8 21.74 -14.57 13.73
CA GLN B 8 21.45 -13.71 14.88
C GLN B 8 20.04 -14.04 15.39
N CYS B 9 19.90 -14.11 16.71
CA CYS B 9 18.67 -14.47 17.35
C CYS B 9 17.62 -13.36 17.11
N ALA B 10 16.41 -13.76 16.72
CA ALA B 10 15.32 -12.78 16.48
C ALA B 10 14.96 -12.03 17.76
N GLY B 11 15.13 -12.69 18.91
CA GLY B 11 14.84 -12.13 20.22
C GLY B 11 15.83 -11.07 20.66
N CYS B 12 17.11 -11.45 20.77
CA CYS B 12 18.11 -10.58 21.42
C CYS B 12 19.09 -9.97 20.41
N ASN B 13 19.01 -10.39 19.15
CA ASN B 13 19.83 -9.92 18.04
C ASN B 13 21.33 -10.23 18.21
N GLN B 14 21.69 -11.19 19.07
CA GLN B 14 23.10 -11.63 19.21
C GLN B 14 23.32 -12.89 18.36
N HIS B 15 24.56 -13.10 17.92
CA HIS B 15 24.92 -14.31 17.18
C HIS B 15 24.67 -15.53 18.07
N ILE B 16 24.10 -16.60 17.49
CA ILE B 16 23.75 -17.80 18.23
C ILE B 16 24.93 -18.77 18.11
N LEU B 17 25.59 -19.06 19.23
CA LEU B 17 26.73 -19.99 19.24
C LEU B 17 26.33 -21.38 19.75
N ASP B 18 25.12 -21.52 20.31
CA ASP B 18 24.60 -22.82 20.81
C ASP B 18 24.62 -23.88 19.71
N LYS B 19 24.89 -25.13 20.09
CA LYS B 19 24.95 -26.25 19.14
C LYS B 19 23.59 -26.44 18.45
N PHE B 20 22.52 -26.39 19.26
CA PHE B 20 21.15 -26.48 18.77
C PHE B 20 20.61 -25.05 18.59
N ILE B 21 20.12 -24.76 17.39
CA ILE B 21 19.51 -23.49 17.01
C ILE B 21 18.03 -23.74 16.74
N LEU B 22 17.14 -22.90 17.29
CA LEU B 22 15.73 -22.99 16.98
C LEU B 22 15.41 -22.09 15.80
N LYS B 23 14.42 -22.51 15.00
CA LYS B 23 14.00 -21.75 13.85
C LYS B 23 12.46 -21.69 13.85
N VAL B 24 11.92 -20.48 13.75
CA VAL B 24 10.50 -20.22 13.73
C VAL B 24 10.24 -19.44 12.45
N LEU B 25 9.56 -20.09 11.49
CA LEU B 25 9.44 -19.56 10.14
C LEU B 25 10.85 -19.30 9.60
N ASP B 26 11.15 -18.05 9.20
CA ASP B 26 12.39 -17.69 8.50
C ASP B 26 13.44 -17.10 9.47
N ARG B 27 13.20 -17.18 10.78
CA ARG B 27 14.03 -16.49 11.77
C ARG B 27 14.62 -17.52 12.73
N HIS B 28 15.84 -17.25 13.23
CA HIS B 28 16.56 -18.15 14.14
C HIS B 28 16.50 -17.59 15.57
N TRP B 29 16.57 -18.49 16.55
CA TRP B 29 16.36 -18.18 17.96
C TRP B 29 17.37 -18.92 18.85
N HIS B 30 17.81 -18.24 19.91
CA HIS B 30 18.31 -18.91 21.12
C HIS B 30 17.18 -19.70 21.80
N SER B 31 17.48 -20.93 22.23
CA SER B 31 16.62 -21.68 23.14
C SER B 31 16.17 -20.81 24.30
N SER B 32 17.13 -20.12 24.92
CA SER B 32 16.87 -19.38 26.13
C SER B 32 16.09 -18.09 25.84
N CYS B 33 16.03 -17.65 24.57
CA CYS B 33 15.29 -16.42 24.24
C CYS B 33 13.84 -16.74 23.83
N LEU B 34 13.58 -17.97 23.35
CA LEU B 34 12.24 -18.33 22.87
C LEU B 34 11.41 -18.84 24.07
N LYS B 35 10.92 -17.86 24.82
CA LYS B 35 10.20 -18.02 26.04
C LYS B 35 8.95 -17.14 25.98
N CYS B 36 7.87 -17.62 26.60
CA CYS B 36 6.64 -16.86 26.68
C CYS B 36 6.90 -15.53 27.41
N ALA B 37 6.45 -14.44 26.82
CA ALA B 37 6.59 -13.08 27.40
C ALA B 37 5.92 -12.98 28.77
N ASP B 38 4.84 -13.74 28.95
CA ASP B 38 4.04 -13.70 30.14
C ASP B 38 4.64 -14.62 31.20
N CYS B 39 4.56 -15.93 30.99
CA CYS B 39 4.82 -16.96 32.01
C CYS B 39 6.28 -17.45 31.98
N GLN B 40 7.05 -17.04 30.96
CA GLN B 40 8.51 -17.30 30.85
C GLN B 40 8.83 -18.76 30.51
N MET B 41 7.81 -19.60 30.26
CA MET B 41 8.08 -21.00 29.94
C MET B 41 8.67 -21.06 28.54
N GLN B 42 9.63 -21.96 28.36
CA GLN B 42 10.26 -22.25 27.07
C GLN B 42 9.18 -22.69 26.06
N LEU B 43 9.28 -22.17 24.85
CA LEU B 43 8.40 -22.54 23.75
C LEU B 43 9.11 -23.65 22.95
N ALA B 44 8.87 -24.91 23.33
CA ALA B 44 9.41 -26.08 22.61
C ALA B 44 8.49 -26.42 21.43
N ASP B 45 7.17 -26.38 21.68
CA ASP B 45 6.17 -26.95 20.78
C ASP B 45 5.79 -25.94 19.71
N ARG B 46 5.05 -24.90 20.12
CA ARG B 46 4.51 -23.90 19.19
C ARG B 46 4.89 -22.51 19.71
N CYS B 47 5.07 -21.58 18.78
CA CYS B 47 5.35 -20.20 19.11
C CYS B 47 4.22 -19.32 18.57
N PHE B 48 3.58 -18.57 19.46
CA PHE B 48 2.54 -17.61 19.08
C PHE B 48 3.13 -16.19 19.12
N SER B 49 3.25 -15.55 17.96
CA SER B 49 3.88 -14.25 17.78
C SER B 49 2.79 -13.18 17.67
N ARG B 50 3.01 -12.03 18.30
CA ARG B 50 2.18 -10.86 18.09
C ARG B 50 3.04 -9.64 18.41
N ALA B 51 3.11 -8.71 17.45
CA ALA B 51 3.85 -7.48 17.55
C ALA B 51 5.32 -7.82 17.84
N GLY B 52 5.89 -7.31 18.94
CA GLY B 52 7.30 -7.51 19.27
C GLY B 52 7.57 -8.62 20.27
N SER B 53 6.60 -9.53 20.50
CA SER B 53 6.71 -10.51 21.57
C SER B 53 6.21 -11.90 21.13
N VAL B 54 6.48 -12.90 21.97
CA VAL B 54 6.13 -14.29 21.72
C VAL B 54 5.48 -14.88 22.98
N TYR B 55 4.54 -15.81 22.78
CA TYR B 55 3.68 -16.33 23.84
C TYR B 55 3.48 -17.84 23.69
N CYS B 56 3.10 -18.48 24.81
CA CYS B 56 2.49 -19.80 24.77
C CYS B 56 1.03 -19.63 24.35
N LYS B 57 0.39 -20.76 24.00
CA LYS B 57 -0.98 -20.79 23.51
C LYS B 57 -1.89 -20.06 24.52
N GLU B 58 -1.76 -20.42 25.80
CA GLU B 58 -2.68 -19.96 26.83
C GLU B 58 -2.58 -18.44 27.00
N ASP B 59 -1.35 -17.92 27.13
CA ASP B 59 -1.15 -16.51 27.43
C ASP B 59 -1.48 -15.67 26.20
N PHE B 60 -1.38 -16.27 25.00
CA PHE B 60 -1.70 -15.60 23.75
C PHE B 60 -3.21 -15.30 23.75
N PHE B 61 -4.02 -16.34 23.91
CA PHE B 61 -5.48 -16.20 23.82
C PHE B 61 -6.02 -15.46 25.03
N LYS B 62 -5.27 -15.49 26.14
CA LYS B 62 -5.66 -14.78 27.34
C LYS B 62 -5.78 -13.29 27.04
N ARG B 63 -4.99 -12.76 26.09
CA ARG B 63 -4.97 -11.30 25.83
C ARG B 63 -5.33 -10.95 24.38
N PHE B 64 -5.19 -11.87 23.42
CA PHE B 64 -5.44 -11.53 22.03
C PHE B 64 -6.59 -12.35 21.46
N GLY B 65 -7.28 -11.75 20.50
CA GLY B 65 -8.22 -12.44 19.66
C GLY B 65 -7.70 -12.56 18.25
N THR B 66 -8.58 -12.99 17.35
CA THR B 66 -8.32 -13.04 15.93
C THR B 66 -9.44 -12.28 15.23
N LYS B 67 -9.09 -11.66 14.10
CA LYS B 67 -10.06 -11.01 13.25
C LYS B 67 -10.47 -11.96 12.12
N CYS B 68 -11.74 -11.88 11.76
CA CYS B 68 -12.29 -12.58 10.63
C CYS B 68 -11.68 -11.97 9.36
N THR B 69 -11.22 -12.85 8.47
CA THR B 69 -10.59 -12.45 7.24
C THR B 69 -11.58 -11.62 6.42
N ALA B 70 -12.86 -11.98 6.45
CA ALA B 70 -13.85 -11.36 5.57
C ALA B 70 -14.31 -10.01 6.13
N CYS B 71 -14.74 -9.96 7.41
CA CYS B 71 -15.40 -8.76 7.94
C CYS B 71 -14.46 -7.93 8.83
N GLN B 72 -13.32 -8.51 9.21
CA GLN B 72 -12.28 -7.87 10.04
C GLN B 72 -12.81 -7.56 11.44
N GLN B 73 -13.92 -8.18 11.85
CA GLN B 73 -14.43 -8.12 13.24
C GLN B 73 -13.80 -9.24 14.08
N GLY B 74 -13.82 -9.05 15.39
CA GLY B 74 -13.29 -10.03 16.35
C GLY B 74 -14.11 -11.31 16.34
N ILE B 75 -13.43 -12.42 16.61
CA ILE B 75 -14.08 -13.70 16.79
C ILE B 75 -14.22 -13.95 18.30
N PRO B 76 -15.45 -14.12 18.82
CA PRO B 76 -15.67 -14.44 20.23
C PRO B 76 -14.85 -15.64 20.69
N PRO B 77 -14.28 -15.61 21.92
CA PRO B 77 -13.54 -16.73 22.47
C PRO B 77 -14.37 -18.03 22.43
N THR B 78 -13.73 -19.13 22.04
CA THR B 78 -14.32 -20.46 22.03
C THR B 78 -15.34 -20.63 20.88
N GLN B 79 -15.74 -19.54 20.22
CA GLN B 79 -16.69 -19.64 19.08
C GLN B 79 -16.08 -20.51 17.99
N VAL B 80 -16.90 -21.39 17.40
CA VAL B 80 -16.44 -22.20 16.28
C VAL B 80 -16.37 -21.30 15.04
N VAL B 81 -15.38 -21.59 14.19
CA VAL B 81 -15.07 -20.80 13.02
C VAL B 81 -14.82 -21.75 11.86
N ARG B 82 -14.66 -21.16 10.67
CA ARG B 82 -14.22 -21.87 9.47
C ARG B 82 -12.81 -21.42 9.16
N LYS B 83 -12.03 -22.30 8.55
CA LYS B 83 -10.64 -22.05 8.25
C LYS B 83 -10.37 -22.44 6.79
N ALA B 84 -9.65 -21.57 6.06
CA ALA B 84 -9.12 -21.89 4.74
C ALA B 84 -7.64 -21.47 4.68
N GLN B 85 -6.75 -22.44 4.46
CA GLN B 85 -5.31 -22.30 4.73
C GLN B 85 -5.17 -21.63 6.13
N ASP B 86 -4.53 -20.45 6.20
CA ASP B 86 -4.31 -19.75 7.49
C ASP B 86 -5.39 -18.69 7.74
N PHE B 87 -6.39 -18.57 6.86
CA PHE B 87 -7.48 -17.62 7.08
C PHE B 87 -8.58 -18.24 7.93
N VAL B 88 -9.12 -17.41 8.83
CA VAL B 88 -10.17 -17.79 9.76
C VAL B 88 -11.37 -16.87 9.51
N TYR B 89 -12.58 -17.44 9.57
CA TYR B 89 -13.83 -16.77 9.25
C TYR B 89 -14.91 -17.09 10.29
N HIS B 90 -15.76 -16.11 10.59
CA HIS B 90 -17.05 -16.37 11.19
C HIS B 90 -17.83 -17.32 10.28
N LEU B 91 -18.68 -18.15 10.87
CA LEU B 91 -19.52 -19.10 10.10
C LEU B 91 -20.27 -18.40 8.96
N HIS B 92 -20.90 -17.25 9.25
CA HIS B 92 -21.73 -16.56 8.25
C HIS B 92 -20.86 -15.88 7.19
N CYS B 93 -19.62 -15.54 7.53
CA CYS B 93 -18.69 -14.84 6.62
C CYS B 93 -18.01 -15.82 5.66
N PHE B 94 -18.12 -17.12 5.92
CA PHE B 94 -17.55 -18.18 5.08
C PHE B 94 -18.55 -18.47 3.97
N ALA B 95 -18.56 -17.58 2.97
CA ALA B 95 -19.57 -17.55 1.92
C ALA B 95 -18.93 -17.05 0.62
N CYS B 96 -19.48 -17.51 -0.50
CA CYS B 96 -19.05 -17.11 -1.83
C CYS B 96 -19.28 -15.60 -2.00
N ILE B 97 -18.26 -14.88 -2.46
CA ILE B 97 -18.36 -13.41 -2.64
C ILE B 97 -19.27 -13.05 -3.82
N ILE B 98 -19.55 -14.02 -4.72
CA ILE B 98 -20.34 -13.75 -5.91
C ILE B 98 -21.82 -14.03 -5.63
N CYS B 99 -22.16 -15.23 -5.15
CA CYS B 99 -23.57 -15.63 -5.01
C CYS B 99 -24.06 -15.47 -3.56
N ASN B 100 -23.13 -15.24 -2.62
CA ASN B 100 -23.40 -15.00 -1.21
C ASN B 100 -23.89 -16.26 -0.49
N ARG B 101 -23.82 -17.43 -1.13
CA ARG B 101 -24.22 -18.65 -0.46
C ARG B 101 -23.17 -19.03 0.60
N GLN B 102 -23.64 -19.36 1.81
CA GLN B 102 -22.79 -19.74 2.91
C GLN B 102 -22.25 -21.14 2.61
N LEU B 103 -20.93 -21.33 2.75
CA LEU B 103 -20.35 -22.61 2.43
C LEU B 103 -20.58 -23.57 3.59
N ALA B 104 -20.89 -24.82 3.26
CA ALA B 104 -21.12 -25.91 4.21
C ALA B 104 -19.95 -26.91 4.15
N THR B 105 -19.81 -27.72 5.21
CA THR B 105 -18.77 -28.73 5.27
C THR B 105 -18.85 -29.58 4.00
N GLY B 106 -17.69 -29.78 3.34
CA GLY B 106 -17.58 -30.61 2.13
C GLY B 106 -17.78 -29.84 0.83
N ASP B 107 -18.21 -28.57 0.90
CA ASP B 107 -18.41 -27.75 -0.30
C ASP B 107 -17.07 -27.49 -0.99
N GLU B 108 -17.10 -27.54 -2.33
CA GLU B 108 -15.97 -27.26 -3.17
C GLU B 108 -15.94 -25.76 -3.48
N PHE B 109 -14.77 -25.15 -3.23
CA PHE B 109 -14.58 -23.73 -3.44
C PHE B 109 -13.13 -23.46 -3.83
N TYR B 110 -12.88 -22.19 -4.19
CA TYR B 110 -11.57 -21.69 -4.49
C TYR B 110 -11.28 -20.53 -3.55
N LEU B 111 -10.04 -20.47 -3.08
CA LEU B 111 -9.54 -19.42 -2.20
C LEU B 111 -8.60 -18.51 -3.00
N MET B 112 -8.94 -17.22 -3.02
CA MET B 112 -8.08 -16.21 -3.62
C MET B 112 -6.95 -15.88 -2.63
N GLU B 113 -5.88 -15.28 -3.13
CA GLU B 113 -4.65 -15.07 -2.40
C GLU B 113 -4.87 -14.17 -1.16
N ASP B 114 -5.84 -13.26 -1.23
CA ASP B 114 -6.14 -12.32 -0.14
C ASP B 114 -7.24 -12.88 0.80
N GLY B 115 -7.71 -14.11 0.56
CA GLY B 115 -8.66 -14.74 1.44
C GLY B 115 -10.10 -14.67 0.95
N ARG B 116 -10.34 -14.04 -0.21
CA ARG B 116 -11.68 -14.03 -0.82
C ARG B 116 -12.05 -15.48 -1.16
N LEU B 117 -13.34 -15.80 -0.99
CA LEU B 117 -13.88 -17.15 -1.18
C LEU B 117 -14.82 -17.16 -2.38
N VAL B 118 -14.73 -18.22 -3.21
CA VAL B 118 -15.53 -18.35 -4.38
C VAL B 118 -15.94 -19.81 -4.53
N CYS B 119 -17.25 -20.05 -4.58
CA CYS B 119 -17.80 -21.39 -4.79
C CYS B 119 -17.32 -21.89 -6.16
N LYS B 120 -17.18 -23.21 -6.27
CA LYS B 120 -16.62 -23.84 -7.47
C LYS B 120 -17.36 -23.38 -8.73
N GLU B 121 -18.69 -23.41 -8.68
CA GLU B 121 -19.55 -23.12 -9.83
C GLU B 121 -19.28 -21.71 -10.35
N ASP B 122 -19.23 -20.73 -9.43
CA ASP B 122 -19.05 -19.33 -9.79
C ASP B 122 -17.62 -19.04 -10.25
N TYR B 123 -16.62 -19.71 -9.65
CA TYR B 123 -15.22 -19.46 -10.02
C TYR B 123 -14.96 -19.97 -11.43
N GLU B 124 -15.47 -21.16 -11.73
CA GLU B 124 -15.23 -21.82 -13.01
C GLU B 124 -15.95 -21.06 -14.13
N THR B 125 -17.17 -20.56 -13.87
CA THR B 125 -17.88 -19.68 -14.82
C THR B 125 -17.07 -18.41 -15.08
N ALA B 126 -16.65 -17.74 -14.00
CA ALA B 126 -15.87 -16.49 -14.09
C ALA B 126 -14.57 -16.72 -14.88
N LYS B 127 -13.94 -17.88 -14.66
CA LYS B 127 -12.81 -18.33 -15.47
C LYS B 127 -13.33 -19.03 -16.73
N GLY B 139 -6.64 -17.20 -10.41
CA GLY B 139 -5.64 -17.53 -9.42
C GLY B 139 -6.26 -17.87 -8.07
N GLY B 140 -7.23 -18.79 -8.08
CA GLY B 140 -7.77 -19.39 -6.86
C GLY B 140 -7.10 -20.72 -6.56
N THR B 141 -7.02 -21.08 -5.28
CA THR B 141 -6.61 -22.43 -4.85
C THR B 141 -7.84 -23.27 -4.56
N PRO B 142 -8.01 -24.44 -5.22
CA PRO B 142 -9.17 -25.30 -4.95
C PRO B 142 -9.06 -25.94 -3.57
N LEU B 143 -10.16 -25.92 -2.82
CA LEU B 143 -10.22 -26.51 -1.48
C LEU B 143 -11.58 -27.15 -1.25
N VAL B 144 -11.67 -27.93 -0.17
CA VAL B 144 -12.93 -28.53 0.30
C VAL B 144 -13.14 -28.02 1.72
N ALA B 145 -14.34 -27.49 2.01
CA ALA B 145 -14.63 -26.83 3.27
C ALA B 145 -14.53 -27.82 4.43
N GLY B 146 -13.67 -27.47 5.40
CA GLY B 146 -13.52 -28.21 6.62
C GLY B 146 -14.69 -27.98 7.58
N SER B 147 -14.88 -28.91 8.51
CA SER B 147 -15.82 -28.78 9.63
C SER B 147 -15.52 -27.52 10.43
N PRO B 148 -16.52 -26.93 11.11
CA PRO B 148 -16.27 -25.84 12.05
C PRO B 148 -15.31 -26.33 13.16
N ILE B 149 -14.49 -25.43 13.65
CA ILE B 149 -13.47 -25.74 14.63
C ILE B 149 -13.46 -24.61 15.66
N ARG B 150 -13.23 -24.94 16.94
CA ARG B 150 -13.12 -23.94 18.01
C ARG B 150 -11.99 -22.97 17.66
N HIS B 151 -12.26 -21.67 17.83
CA HIS B 151 -11.35 -20.55 17.57
C HIS B 151 -9.94 -20.87 18.05
N GLU B 152 -9.83 -21.43 19.25
CA GLU B 152 -8.55 -21.65 19.92
C GLU B 152 -7.75 -22.79 19.25
N ASN B 153 -8.43 -23.68 18.53
CA ASN B 153 -7.76 -24.74 17.75
C ASN B 153 -7.52 -24.32 16.31
N ALA B 154 -8.24 -23.30 15.84
CA ALA B 154 -8.10 -22.78 14.47
C ALA B 154 -6.78 -22.02 14.33
N VAL B 155 -6.39 -21.29 15.37
CA VAL B 155 -5.18 -20.50 15.39
C VAL B 155 -4.08 -21.32 16.07
N GLN B 156 -3.07 -21.72 15.29
CA GLN B 156 -2.16 -22.81 15.66
C GLN B 156 -0.78 -22.29 16.11
N GLY B 157 -0.47 -21.02 15.85
CA GLY B 157 0.89 -20.51 16.05
C GLY B 157 1.86 -21.12 15.04
N SER B 158 3.16 -20.96 15.30
CA SER B 158 4.21 -21.43 14.37
C SER B 158 4.95 -22.61 14.97
N ALA B 159 5.34 -23.55 14.11
CA ALA B 159 6.18 -24.66 14.49
C ALA B 159 7.57 -24.14 14.84
N VAL B 160 8.13 -24.71 15.90
CA VAL B 160 9.51 -24.48 16.34
C VAL B 160 10.36 -25.65 15.80
N GLU B 161 11.22 -25.35 14.82
CA GLU B 161 12.09 -26.31 14.18
C GLU B 161 13.48 -26.24 14.84
N VAL B 162 14.24 -27.33 14.70
CA VAL B 162 15.53 -27.46 15.31
C VAL B 162 16.56 -27.68 14.22
N GLN B 163 17.69 -26.97 14.33
CA GLN B 163 18.84 -27.17 13.47
C GLN B 163 20.09 -27.22 14.32
N THR B 164 21.15 -27.86 13.81
CA THR B 164 22.44 -27.82 14.46
C THR B 164 23.49 -27.23 13.51
N TYR B 165 24.53 -26.67 14.12
CA TYR B 165 25.78 -26.43 13.43
C TYR B 165 26.41 -27.78 13.10
N GLN B 166 26.86 -27.92 11.85
CA GLN B 166 27.60 -29.08 11.38
C GLN B 166 28.67 -28.59 10.40
N PRO B 167 29.83 -29.26 10.32
CA PRO B 167 30.85 -28.94 9.30
C PRO B 167 30.30 -29.34 7.94
N PRO B 168 30.83 -28.78 6.85
CA PRO B 168 31.94 -27.83 6.84
C PRO B 168 31.55 -26.42 7.27
N TRP B 169 32.45 -25.76 8.01
CA TRP B 169 32.34 -24.34 8.31
C TRP B 169 33.70 -23.68 8.06
#